data_5IUH
#
_entry.id   5IUH
#
_cell.length_a   52.290
_cell.length_b   56.575
_cell.length_c   103.049
_cell.angle_alpha   90.000
_cell.angle_beta   90.000
_cell.angle_gamma   90.000
#
_symmetry.space_group_name_H-M   'P 21 21 21'
#
loop_
_entity.id
_entity.type
_entity.pdbx_description
1 polymer 'ALK tyrosine kinase receptor'
2 non-polymer 4-[(4-methylpiperazin-1-yl)methyl]-N-{3-[3-methyl-4-({[5-(propan-2-yl)-1,2-oxazol-3-yl]carbamoyl}amino)phenyl]-1H-pyrazol-5-yl}benzamide
3 water water
#
_entity_poly.entity_id   1
_entity_poly.type   'polypeptide(L)'
_entity_poly.pdbx_seq_one_letter_code
;RTSTIMTDYNPNYSFAGKTSSISDLKEVPRKNITLIRGLGHGAFGEVYEGQVSGMPNDPSPLQVAVKTLPEVCSEQDELD
FLMEALIISKFNHQNIVRCIGVSLQSLPRFILLELMAGGDLKSFLRETRPRPSQPSSLAMLDLLHVARDIACGCQYLEEN
HFIHRDIAARNCLLTCPGPGRVAKIGDFGMARDIYRASYYRKGGCAMLPVKWMPPEAFMEGIFTSKTDTWSFGVLLWEIF
SLGYMPYPSKSNQEVLEFVTSGGRMDPPKNCPGPVYRIMTQCWQHQPEDRPNFAIILERIEYCTQDPDVINTALPIEYGP
LVEEEEK
;
_entity_poly.pdbx_strand_id   A
#
loop_
_chem_comp.id
_chem_comp.type
_chem_comp.name
_chem_comp.formula
34Y non-polymer 4-[(4-methylpiperazin-1-yl)methyl]-N-{3-[3-methyl-4-({[5-(propan-2-yl)-1,2-oxazol-3-yl]carbamoyl}amino)phenyl]-1H-pyrazol-5-yl}benzamide 'C30 H36 N8 O3'
#
# COMPACT_ATOMS: atom_id res chain seq x y z
N ASN A 10 -12.99 1.38 -15.49
CA ASN A 10 -11.88 1.70 -14.61
C ASN A 10 -11.09 2.89 -15.15
N PRO A 11 -10.76 3.87 -14.28
CA PRO A 11 -10.11 5.11 -14.72
C PRO A 11 -8.68 4.94 -15.28
N ASN A 12 -8.14 3.73 -15.23
CA ASN A 12 -6.76 3.50 -15.68
C ASN A 12 -6.66 2.69 -16.97
N TYR A 13 -7.76 2.06 -17.36
CA TYR A 13 -7.73 1.08 -18.43
C TYR A 13 -7.48 1.69 -19.80
N SER A 14 -8.08 2.85 -20.07
CA SER A 14 -7.99 3.44 -21.40
C SER A 14 -6.54 3.82 -21.73
N PHE A 15 -5.86 4.44 -20.78
CA PHE A 15 -4.47 4.86 -21.00
C PHE A 15 -3.52 3.67 -21.10
N ALA A 16 -3.64 2.74 -20.16
CA ALA A 16 -2.79 1.57 -20.12
C ALA A 16 -2.92 0.74 -21.40
N GLY A 17 -4.16 0.58 -21.87
CA GLY A 17 -4.44 -0.20 -23.06
C GLY A 17 -3.82 0.37 -24.31
N LYS A 18 -3.78 1.70 -24.41
CA LYS A 18 -3.24 2.37 -25.59
C LYS A 18 -1.72 2.50 -25.54
N THR A 19 -1.17 2.44 -24.33
CA THR A 19 0.26 2.70 -24.14
C THR A 19 1.02 1.48 -23.58
N SER A 20 0.40 0.31 -23.67
CA SER A 20 1.06 -0.92 -23.23
C SER A 20 0.49 -2.11 -24.00
N SER A 21 1.37 -3.01 -24.41
CA SER A 21 0.99 -4.15 -25.24
C SER A 21 1.07 -5.46 -24.46
N ILE A 22 0.26 -6.42 -24.89
CA ILE A 22 0.31 -7.77 -24.33
C ILE A 22 1.65 -8.40 -24.61
N SER A 23 2.28 -8.00 -25.72
CA SER A 23 3.59 -8.50 -26.09
C SER A 23 4.65 -8.09 -25.08
N ASP A 24 4.36 -7.04 -24.30
CA ASP A 24 5.26 -6.59 -23.25
C ASP A 24 5.27 -7.57 -22.07
N LEU A 25 4.24 -8.42 -22.01
CA LEU A 25 4.13 -9.42 -20.95
C LEU A 25 4.81 -10.72 -21.35
N LYS A 26 5.74 -11.18 -20.52
CA LYS A 26 6.46 -12.42 -20.79
C LYS A 26 5.58 -13.63 -20.42
N GLU A 27 5.08 -14.33 -21.43
CA GLU A 27 4.32 -15.55 -21.21
C GLU A 27 5.25 -16.67 -20.77
N VAL A 28 5.00 -17.22 -19.59
CA VAL A 28 5.77 -18.36 -19.07
C VAL A 28 4.99 -19.64 -19.33
N PRO A 29 5.64 -20.65 -19.95
CA PRO A 29 4.96 -21.94 -20.13
C PRO A 29 4.46 -22.50 -18.82
N ARG A 30 3.21 -22.94 -18.78
CA ARG A 30 2.59 -23.41 -17.55
C ARG A 30 3.37 -24.56 -16.92
N LYS A 31 3.98 -25.40 -17.76
CA LYS A 31 4.73 -26.55 -17.27
C LYS A 31 5.90 -26.12 -16.39
N ASN A 32 6.38 -24.89 -16.61
CA ASN A 32 7.51 -24.36 -15.85
C ASN A 32 7.10 -23.65 -14.57
N ILE A 33 5.81 -23.69 -14.24
CA ILE A 33 5.30 -23.06 -13.02
C ILE A 33 4.80 -24.11 -12.04
N THR A 34 5.31 -24.05 -10.82
CA THR A 34 4.86 -24.91 -9.73
C THR A 34 4.35 -24.07 -8.56
N LEU A 35 3.14 -24.38 -8.11
CA LEU A 35 2.60 -23.74 -6.92
C LEU A 35 3.09 -24.49 -5.67
N ILE A 36 3.63 -23.74 -4.72
CA ILE A 36 4.22 -24.34 -3.52
C ILE A 36 3.25 -24.33 -2.35
N ARG A 37 2.70 -23.16 -2.04
CA ARG A 37 1.82 -23.02 -0.89
C ARG A 37 0.96 -21.77 -1.01
N GLY A 38 -0.19 -21.79 -0.34
CA GLY A 38 -1.06 -20.64 -0.28
C GLY A 38 -0.46 -19.56 0.60
N LEU A 39 -0.80 -18.30 0.30
CA LEU A 39 -0.32 -17.16 1.07
C LEU A 39 -1.50 -16.33 1.57
N GLY A 40 -2.54 -16.21 0.73
CA GLY A 40 -3.72 -15.44 1.08
C GLY A 40 -4.56 -15.11 -0.14
N GLU A 46 -6.97 -15.52 -5.15
CA GLU A 46 -5.99 -16.39 -4.52
C GLU A 46 -4.57 -16.06 -4.89
N VAL A 47 -3.70 -16.07 -3.89
CA VAL A 47 -2.29 -15.81 -4.03
C VAL A 47 -1.42 -16.89 -3.42
N TYR A 48 -0.57 -17.48 -4.23
CA TYR A 48 0.30 -18.58 -3.81
C TYR A 48 1.76 -18.19 -3.94
N GLU A 49 2.61 -18.82 -3.13
CA GLU A 49 4.03 -18.84 -3.41
C GLU A 49 4.26 -19.88 -4.49
N GLY A 50 4.98 -19.50 -5.53
CA GLY A 50 5.23 -20.39 -6.65
C GLY A 50 6.70 -20.40 -7.02
N GLN A 51 7.04 -21.23 -7.99
CA GLN A 51 8.41 -21.34 -8.46
C GLN A 51 8.44 -21.47 -9.99
N VAL A 52 9.39 -20.77 -10.61
CA VAL A 52 9.60 -20.85 -12.04
C VAL A 52 10.99 -21.42 -12.31
N SER A 53 10.99 -22.55 -13.01
CA SER A 53 12.18 -23.31 -13.37
C SER A 53 12.01 -24.26 -14.53
N GLY A 54 13.13 -24.79 -15.00
CA GLY A 54 13.18 -25.75 -16.07
C GLY A 54 13.21 -25.20 -17.48
N PRO A 61 16.28 -21.64 -10.35
CA PRO A 61 14.84 -21.44 -10.21
C PRO A 61 14.50 -20.09 -9.60
N LEU A 62 13.32 -19.57 -9.95
CA LEU A 62 12.87 -18.25 -9.49
C LEU A 62 11.71 -18.38 -8.51
N GLN A 63 11.80 -17.65 -7.40
CA GLN A 63 10.73 -17.63 -6.41
C GLN A 63 9.80 -16.48 -6.69
N VAL A 64 8.50 -16.77 -6.77
CA VAL A 64 7.51 -15.77 -7.16
C VAL A 64 6.23 -15.89 -6.34
N ALA A 65 5.41 -14.86 -6.43
CA ALA A 65 4.02 -14.92 -5.99
C ALA A 65 3.15 -15.10 -7.22
N VAL A 66 2.04 -15.81 -7.07
CA VAL A 66 1.18 -16.15 -8.20
C VAL A 66 -0.27 -15.81 -7.89
N LYS A 67 -0.81 -14.85 -8.63
CA LYS A 67 -2.24 -14.54 -8.55
C LYS A 67 -2.99 -15.31 -9.62
N THR A 68 -4.09 -15.96 -9.22
CA THR A 68 -4.86 -16.79 -10.11
C THR A 68 -6.18 -16.14 -10.49
N LEU A 69 -6.66 -16.45 -11.69
CA LEU A 69 -7.98 -16.05 -12.14
C LEU A 69 -8.90 -17.26 -12.09
N PRO A 70 -9.96 -17.21 -11.26
CA PRO A 70 -10.89 -18.35 -11.23
C PRO A 70 -11.46 -18.66 -12.62
N GLU A 71 -11.52 -19.94 -12.98
CA GLU A 71 -11.98 -20.35 -14.32
C GLU A 71 -13.43 -19.94 -14.54
N VAL A 72 -14.24 -19.98 -13.49
CA VAL A 72 -15.60 -19.43 -13.55
C VAL A 72 -15.55 -17.94 -13.27
N CYS A 73 -15.54 -17.16 -14.36
CA CYS A 73 -15.43 -15.70 -14.27
C CYS A 73 -16.13 -15.05 -15.46
N SER A 74 -16.36 -13.73 -15.34
CA SER A 74 -16.96 -12.96 -16.41
C SER A 74 -15.89 -12.53 -17.41
N GLU A 75 -16.31 -11.89 -18.49
CA GLU A 75 -15.40 -11.35 -19.48
C GLU A 75 -14.86 -10.00 -19.00
N GLN A 76 -15.46 -9.49 -17.92
CA GLN A 76 -14.99 -8.26 -17.29
C GLN A 76 -13.84 -8.59 -16.34
N ASP A 77 -13.93 -9.74 -15.67
CA ASP A 77 -12.84 -10.22 -14.83
C ASP A 77 -11.64 -10.59 -15.68
N GLU A 78 -11.91 -11.15 -16.86
CA GLU A 78 -10.86 -11.46 -17.82
C GLU A 78 -10.08 -10.19 -18.17
N LEU A 79 -10.82 -9.11 -18.38
CA LEU A 79 -10.21 -7.82 -18.67
C LEU A 79 -9.46 -7.30 -17.45
N ASP A 80 -10.14 -7.31 -16.30
CA ASP A 80 -9.53 -6.84 -15.05
C ASP A 80 -8.22 -7.56 -14.77
N PHE A 81 -8.20 -8.86 -15.03
CA PHE A 81 -7.01 -9.67 -14.80
C PHE A 81 -5.86 -9.22 -15.71
N LEU A 82 -6.15 -9.12 -17.01
CA LEU A 82 -5.15 -8.67 -17.96
C LEU A 82 -4.63 -7.27 -17.62
N MET A 83 -5.55 -6.38 -17.28
CA MET A 83 -5.19 -4.98 -17.03
C MET A 83 -4.30 -4.83 -15.80
N GLU A 84 -4.49 -5.68 -14.79
CA GLU A 84 -3.64 -5.65 -13.62
C GLU A 84 -2.19 -5.89 -14.03
N ALA A 85 -1.98 -6.89 -14.88
CA ALA A 85 -0.64 -7.24 -15.33
C ALA A 85 -0.05 -6.13 -16.20
N LEU A 86 -0.88 -5.55 -17.06
CA LEU A 86 -0.42 -4.48 -17.94
C LEU A 86 -0.04 -3.23 -17.16
N ILE A 87 -0.85 -2.89 -16.17
CA ILE A 87 -0.63 -1.68 -15.38
C ILE A 87 0.64 -1.80 -14.53
N ILE A 88 0.77 -2.91 -13.81
CA ILE A 88 1.98 -3.16 -13.01
C ILE A 88 3.23 -3.12 -13.88
N SER A 89 3.18 -3.76 -15.03
CA SER A 89 4.30 -3.87 -15.97
C SER A 89 4.82 -2.56 -16.58
N LYS A 90 4.04 -1.52 -16.47
CA LYS A 90 4.27 -0.17 -16.95
C LYS A 90 5.16 0.60 -15.99
N PHE A 91 5.31 0.09 -14.78
CA PHE A 91 6.12 0.72 -13.78
C PHE A 91 7.47 0.11 -13.55
N ASN A 92 8.46 0.95 -13.29
CA ASN A 92 9.81 0.52 -12.98
C ASN A 92 10.37 1.34 -11.82
N HIS A 93 10.14 0.86 -10.61
CA HIS A 93 10.58 1.55 -9.40
C HIS A 93 10.72 0.57 -8.25
N GLN A 94 11.76 0.76 -7.44
CA GLN A 94 12.11 -0.20 -6.38
C GLN A 94 11.06 -0.31 -5.29
N ASN A 95 10.23 0.71 -5.12
CA ASN A 95 9.19 0.71 -4.09
C ASN A 95 7.80 0.42 -4.63
N ILE A 96 7.75 -0.16 -5.83
CA ILE A 96 6.51 -0.63 -6.43
C ILE A 96 6.71 -2.08 -6.84
N VAL A 97 5.79 -2.95 -6.43
CA VAL A 97 5.93 -4.38 -6.68
C VAL A 97 6.03 -4.68 -8.17
N ARG A 98 6.88 -5.64 -8.52
CA ARG A 98 7.13 -5.99 -9.90
C ARG A 98 6.12 -7.01 -10.41
N CYS A 99 5.84 -6.96 -11.71
CA CYS A 99 5.20 -8.06 -12.41
C CYS A 99 6.29 -8.84 -13.14
N ILE A 100 6.42 -10.12 -12.77
CA ILE A 100 7.51 -10.95 -13.25
C ILE A 100 7.18 -11.60 -14.59
N GLY A 101 5.90 -11.72 -14.88
CA GLY A 101 5.45 -12.35 -16.10
C GLY A 101 4.03 -12.83 -15.92
N VAL A 102 3.54 -13.62 -16.87
CA VAL A 102 2.19 -14.13 -16.83
C VAL A 102 2.12 -15.53 -17.42
N SER A 103 0.98 -16.18 -17.22
CA SER A 103 0.68 -17.43 -17.91
C SER A 103 -0.81 -17.43 -18.22
N LEU A 104 -1.17 -16.72 -19.28
CA LEU A 104 -2.57 -16.47 -19.62
C LEU A 104 -3.09 -17.47 -20.65
N GLN A 105 -2.21 -18.30 -21.18
CA GLN A 105 -2.59 -19.25 -22.23
C GLN A 105 -2.98 -20.61 -21.67
N SER A 106 -3.04 -20.72 -20.34
CA SER A 106 -3.50 -21.93 -19.68
C SER A 106 -4.52 -21.57 -18.60
N LEU A 107 -5.42 -22.52 -18.28
CA LEU A 107 -6.42 -22.32 -17.25
C LEU A 107 -6.08 -23.13 -15.99
N PRO A 108 -6.21 -22.52 -14.79
CA PRO A 108 -6.57 -21.12 -14.56
C PRO A 108 -5.43 -20.19 -14.90
N ARG A 109 -5.72 -18.97 -15.32
CA ARG A 109 -4.68 -18.03 -15.73
C ARG A 109 -3.90 -17.51 -14.52
N PHE A 110 -2.61 -17.26 -14.73
CA PHE A 110 -1.72 -16.77 -13.68
C PHE A 110 -1.16 -15.39 -13.99
N ILE A 111 -0.92 -14.61 -12.94
CA ILE A 111 -0.03 -13.46 -13.01
C ILE A 111 1.12 -13.72 -12.05
N LEU A 112 2.34 -13.63 -12.56
CA LEU A 112 3.52 -13.87 -11.75
C LEU A 112 4.05 -12.55 -11.20
N LEU A 113 4.20 -12.51 -9.88
CA LEU A 113 4.46 -11.27 -9.17
C LEU A 113 5.66 -11.39 -8.25
N GLU A 114 6.27 -10.24 -7.94
CA GLU A 114 7.38 -10.18 -6.99
C GLU A 114 6.95 -10.76 -5.66
N LEU A 115 7.70 -11.75 -5.18
CA LEU A 115 7.43 -12.36 -3.88
C LEU A 115 7.99 -11.49 -2.76
N MET A 116 7.11 -11.13 -1.83
CA MET A 116 7.44 -10.25 -0.72
C MET A 116 7.33 -11.07 0.56
N ALA A 117 8.45 -11.59 1.02
CA ALA A 117 8.47 -12.55 2.11
C ALA A 117 8.04 -11.94 3.44
N GLY A 118 8.06 -10.60 3.53
CA GLY A 118 7.70 -9.91 4.75
C GLY A 118 6.19 -9.87 4.98
N GLY A 119 5.42 -10.08 3.92
CA GLY A 119 3.98 -10.04 4.01
C GLY A 119 3.46 -8.62 4.01
N ASP A 120 2.18 -8.44 4.33
CA ASP A 120 1.57 -7.11 4.31
C ASP A 120 2.01 -6.29 5.51
N LEU A 121 2.08 -4.97 5.33
CA LEU A 121 2.61 -4.08 6.36
C LEU A 121 1.75 -4.06 7.63
N LYS A 122 0.43 -4.12 7.47
CA LYS A 122 -0.46 -4.06 8.62
C LYS A 122 -0.23 -5.24 9.55
N SER A 123 -0.13 -6.44 8.98
CA SER A 123 0.12 -7.64 9.78
C SER A 123 1.50 -7.56 10.43
N PHE A 124 2.47 -7.02 9.69
CA PHE A 124 3.82 -6.88 10.20
C PHE A 124 3.86 -5.98 11.42
N LEU A 125 3.17 -4.84 11.35
CA LEU A 125 3.16 -3.89 12.46
C LEU A 125 2.55 -4.49 13.71
N ARG A 126 1.44 -5.20 13.56
CA ARG A 126 0.74 -5.80 14.69
C ARG A 126 1.56 -6.92 15.33
N GLU A 127 2.21 -7.72 14.49
CA GLU A 127 2.95 -8.90 14.97
C GLU A 127 4.33 -8.53 15.52
N THR A 128 4.79 -7.33 15.22
CA THR A 128 6.13 -6.90 15.59
C THR A 128 6.10 -5.74 16.60
N ARG A 129 4.94 -5.54 17.23
CA ARG A 129 4.84 -4.54 18.29
C ARG A 129 5.80 -4.88 19.43
N PRO A 130 6.47 -3.87 20.00
CA PRO A 130 7.33 -4.17 21.15
C PRO A 130 6.55 -4.79 22.31
N ARG A 131 6.94 -6.00 22.70
CA ARG A 131 6.35 -6.69 23.83
C ARG A 131 7.41 -6.91 24.91
N PRO A 132 6.99 -6.94 26.19
CA PRO A 132 7.98 -7.12 27.27
C PRO A 132 8.75 -8.43 27.13
N SER A 136 14.87 -4.91 21.15
CA SER A 136 14.03 -4.01 20.36
C SER A 136 13.60 -4.65 19.05
N SER A 137 12.30 -4.90 18.92
CA SER A 137 11.74 -5.45 17.70
C SER A 137 11.69 -4.39 16.61
N LEU A 138 11.28 -3.18 17.00
CA LEU A 138 11.18 -2.06 16.08
C LEU A 138 11.59 -0.76 16.76
N ALA A 139 12.20 0.14 15.99
CA ALA A 139 12.54 1.47 16.48
C ALA A 139 11.89 2.53 15.60
N MET A 140 11.94 3.78 16.05
CA MET A 140 11.28 4.87 15.33
C MET A 140 11.85 5.04 13.93
N LEU A 141 13.16 4.80 13.77
CA LEU A 141 13.79 4.98 12.46
C LEU A 141 13.27 3.94 11.48
N ASP A 142 12.98 2.74 11.97
CA ASP A 142 12.44 1.67 11.13
C ASP A 142 11.09 2.08 10.54
N LEU A 143 10.26 2.72 11.35
CA LEU A 143 8.96 3.20 10.90
C LEU A 143 9.13 4.29 9.85
N LEU A 144 10.07 5.18 10.09
CA LEU A 144 10.33 6.28 9.17
C LEU A 144 10.81 5.77 7.81
N HIS A 145 11.61 4.72 7.82
CA HIS A 145 12.12 4.14 6.57
C HIS A 145 10.99 3.50 5.77
N VAL A 146 10.09 2.80 6.46
CA VAL A 146 8.89 2.26 5.82
C VAL A 146 8.07 3.38 5.18
N ALA A 147 7.81 4.44 5.95
CA ALA A 147 7.06 5.57 5.46
C ALA A 147 7.76 6.22 4.27
N ARG A 148 9.09 6.30 4.34
CA ARG A 148 9.88 6.88 3.27
C ARG A 148 9.80 6.02 2.02
N ASP A 149 9.91 4.71 2.20
CA ASP A 149 9.80 3.77 1.08
C ASP A 149 8.49 3.96 0.33
N ILE A 150 7.38 4.00 1.06
CA ILE A 150 6.06 4.10 0.44
C ILE A 150 5.87 5.48 -0.18
N ALA A 151 6.35 6.52 0.51
CA ALA A 151 6.28 7.87 -0.01
C ALA A 151 7.07 7.98 -1.32
N CYS A 152 8.18 7.27 -1.40
CA CYS A 152 9.01 7.30 -2.59
C CYS A 152 8.27 6.69 -3.78
N GLY A 153 7.56 5.59 -3.52
CA GLY A 153 6.77 4.92 -4.54
C GLY A 153 5.61 5.77 -4.99
N CYS A 154 4.97 6.45 -4.03
CA CYS A 154 3.83 7.30 -4.31
C CYS A 154 4.25 8.51 -5.16
N GLN A 155 5.44 9.04 -4.91
CA GLN A 155 5.95 10.14 -5.71
C GLN A 155 6.11 9.69 -7.15
N TYR A 156 6.66 8.49 -7.33
CA TYR A 156 6.86 7.93 -8.65
C TYR A 156 5.54 7.76 -9.37
N LEU A 157 4.55 7.22 -8.66
CA LEU A 157 3.20 7.06 -9.22
C LEU A 157 2.61 8.42 -9.59
N GLU A 158 2.74 9.39 -8.70
CA GLU A 158 2.24 10.74 -8.97
C GLU A 158 2.90 11.32 -10.21
N GLU A 159 4.22 11.20 -10.28
CA GLU A 159 5.01 11.72 -11.40
C GLU A 159 4.56 11.11 -12.72
N ASN A 160 4.03 9.89 -12.66
CA ASN A 160 3.54 9.19 -13.84
C ASN A 160 2.02 9.25 -13.94
N HIS A 161 1.43 10.14 -13.15
CA HIS A 161 0.00 10.44 -13.23
C HIS A 161 -0.89 9.22 -12.99
N PHE A 162 -0.47 8.37 -12.07
CA PHE A 162 -1.27 7.22 -11.66
C PHE A 162 -1.87 7.47 -10.27
N ILE A 163 -3.18 7.31 -10.17
CA ILE A 163 -3.90 7.49 -8.91
C ILE A 163 -4.24 6.12 -8.34
N HIS A 164 -3.69 5.83 -7.16
CA HIS A 164 -3.80 4.51 -6.54
C HIS A 164 -5.22 4.24 -6.03
N ARG A 165 -5.78 5.18 -5.29
CA ARG A 165 -7.13 5.10 -4.77
C ARG A 165 -7.32 4.20 -3.56
N ASP A 166 -6.29 3.53 -3.13
CA ASP A 166 -6.43 2.67 -1.94
C ASP A 166 -5.12 2.52 -1.20
N ILE A 167 -4.43 3.63 -0.97
CA ILE A 167 -3.22 3.63 -0.15
C ILE A 167 -3.62 3.28 1.28
N ALA A 168 -3.03 2.21 1.79
CA ALA A 168 -3.32 1.70 3.12
C ALA A 168 -2.31 0.63 3.46
N ALA A 169 -2.10 0.39 4.76
CA ALA A 169 -1.08 -0.54 5.20
C ALA A 169 -1.33 -1.95 4.67
N ARG A 170 -2.60 -2.29 4.48
CA ARG A 170 -2.97 -3.61 3.99
C ARG A 170 -2.48 -3.85 2.56
N ASN A 171 -2.20 -2.77 1.84
CA ASN A 171 -1.74 -2.86 0.45
C ASN A 171 -0.26 -2.58 0.28
N CYS A 172 0.46 -2.42 1.40
CA CYS A 172 1.91 -2.29 1.37
C CYS A 172 2.54 -3.62 1.75
N LEU A 173 3.60 -4.00 1.03
CA LEU A 173 4.28 -5.28 1.25
C LEU A 173 5.75 -5.07 1.63
N LEU A 174 6.29 -6.03 2.38
CA LEU A 174 7.68 -5.97 2.85
C LEU A 174 8.49 -7.13 2.27
N THR A 175 9.73 -6.85 1.89
CA THR A 175 10.60 -7.87 1.31
C THR A 175 11.01 -8.90 2.34
N CYS A 176 11.17 -8.46 3.58
CA CYS A 176 11.59 -9.35 4.66
C CYS A 176 11.31 -8.66 6.01
N PRO A 177 11.31 -9.44 7.10
CA PRO A 177 10.94 -8.84 8.41
C PRO A 177 12.10 -8.13 9.12
N GLY A 178 13.31 -8.67 9.01
CA GLY A 178 14.45 -8.12 9.73
C GLY A 178 14.98 -6.84 9.13
N PRO A 179 16.03 -6.27 9.74
CA PRO A 179 16.69 -5.06 9.24
C PRO A 179 17.04 -5.20 7.75
N GLY A 180 16.98 -4.09 7.03
CA GLY A 180 17.21 -4.10 5.59
C GLY A 180 15.94 -4.38 4.81
N ARG A 181 14.82 -4.49 5.53
CA ARG A 181 13.52 -4.66 4.89
C ARG A 181 13.22 -3.47 3.99
N VAL A 182 12.52 -3.74 2.88
CA VAL A 182 12.08 -2.68 1.99
C VAL A 182 10.57 -2.80 1.81
N ALA A 183 9.88 -1.67 1.98
CA ALA A 183 8.44 -1.62 1.82
C ALA A 183 8.09 -1.18 0.40
N LYS A 184 7.06 -1.78 -0.17
CA LYS A 184 6.65 -1.49 -1.53
C LYS A 184 5.13 -1.36 -1.64
N ILE A 185 4.68 -0.57 -2.60
CA ILE A 185 3.26 -0.37 -2.84
C ILE A 185 2.72 -1.44 -3.76
N GLY A 186 1.59 -2.03 -3.38
CA GLY A 186 0.87 -2.95 -4.23
C GLY A 186 -0.61 -2.66 -4.11
N ASP A 187 -1.43 -3.61 -4.51
CA ASP A 187 -2.88 -3.48 -4.39
C ASP A 187 -3.51 -4.86 -4.42
N PHE A 188 -4.07 -5.29 -3.29
CA PHE A 188 -4.72 -6.59 -3.21
C PHE A 188 -6.11 -6.54 -3.84
N GLY A 189 -6.56 -5.33 -4.17
CA GLY A 189 -7.76 -5.15 -4.97
C GLY A 189 -9.07 -5.33 -4.24
N MET A 190 -9.04 -5.33 -2.91
CA MET A 190 -10.25 -5.54 -2.11
C MET A 190 -11.27 -4.42 -2.32
N ALA A 191 -10.82 -3.30 -2.89
CA ALA A 191 -11.70 -2.19 -3.22
C ALA A 191 -11.62 -1.88 -4.71
N CYS A 205 -21.03 1.34 -1.08
CA CYS A 205 -21.09 2.14 0.14
C CYS A 205 -20.46 1.40 1.31
N ALA A 206 -21.03 0.28 1.70
CA ALA A 206 -20.49 -0.52 2.80
C ALA A 206 -19.11 -1.07 2.53
N MET A 207 -18.70 -1.00 1.30
CA MET A 207 -17.40 -1.48 0.80
C MET A 207 -16.34 -0.39 0.69
N LEU A 208 -16.76 0.88 0.69
CA LEU A 208 -15.81 1.98 0.58
C LEU A 208 -14.90 2.05 1.81
N PRO A 209 -13.57 2.14 1.60
CA PRO A 209 -12.66 2.31 2.73
C PRO A 209 -12.68 3.76 3.24
N VAL A 210 -13.82 4.16 3.77
CA VAL A 210 -14.08 5.54 4.15
C VAL A 210 -13.00 6.10 5.07
N LYS A 211 -12.47 5.25 5.95
CA LYS A 211 -11.51 5.70 6.95
C LYS A 211 -10.17 6.13 6.35
N TRP A 212 -9.98 5.86 5.06
CA TRP A 212 -8.76 6.25 4.34
C TRP A 212 -9.04 7.34 3.30
N MET A 213 -10.28 7.85 3.26
CA MET A 213 -10.72 8.72 2.18
C MET A 213 -10.95 10.16 2.61
N PRO A 214 -10.52 11.13 1.80
CA PRO A 214 -10.84 12.54 2.07
C PRO A 214 -12.30 12.86 1.75
N PRO A 215 -12.81 14.00 2.23
CA PRO A 215 -14.21 14.38 2.02
C PRO A 215 -14.64 14.36 0.56
N GLU A 216 -13.84 14.95 -0.33
CA GLU A 216 -14.24 15.06 -1.72
C GLU A 216 -14.33 13.68 -2.37
N ALA A 217 -13.65 12.71 -1.77
CA ALA A 217 -13.65 11.35 -2.29
C ALA A 217 -14.94 10.62 -1.88
N PHE A 218 -15.29 10.65 -0.60
CA PHE A 218 -16.46 9.89 -0.15
C PHE A 218 -17.76 10.70 -0.23
N MET A 219 -17.65 11.99 -0.58
CA MET A 219 -18.84 12.81 -0.81
C MET A 219 -19.15 13.00 -2.30
N GLU A 220 -18.11 13.08 -3.13
CA GLU A 220 -18.27 13.45 -4.53
C GLU A 220 -17.69 12.43 -5.50
N GLY A 221 -16.96 11.44 -4.99
CA GLY A 221 -16.33 10.45 -5.84
C GLY A 221 -15.19 11.04 -6.66
N ILE A 222 -14.63 12.14 -6.18
CA ILE A 222 -13.48 12.78 -6.82
C ILE A 222 -12.18 12.14 -6.35
N PHE A 223 -11.38 11.66 -7.29
CA PHE A 223 -10.08 11.08 -6.99
C PHE A 223 -8.98 11.79 -7.77
N THR A 224 -7.97 12.28 -7.04
CA THR A 224 -6.81 12.92 -7.63
C THR A 224 -5.55 12.47 -6.88
N SER A 225 -4.43 13.07 -7.20
CA SER A 225 -3.21 12.77 -6.51
C SER A 225 -3.32 13.23 -5.06
N LYS A 226 -4.10 14.26 -4.82
CA LYS A 226 -4.24 14.82 -3.49
C LYS A 226 -5.17 13.99 -2.62
N THR A 227 -5.93 13.10 -3.23
CA THR A 227 -6.73 12.17 -2.44
C THR A 227 -5.85 11.01 -1.99
N ASP A 228 -4.85 10.68 -2.81
CA ASP A 228 -3.82 9.72 -2.40
C ASP A 228 -3.01 10.28 -1.25
N THR A 229 -2.78 11.59 -1.27
CA THR A 229 -2.06 12.27 -0.19
C THR A 229 -2.78 12.08 1.15
N TRP A 230 -4.09 12.28 1.14
CA TRP A 230 -4.90 12.09 2.34
C TRP A 230 -4.73 10.68 2.86
N SER A 231 -4.89 9.71 1.98
CA SER A 231 -4.77 8.30 2.35
C SER A 231 -3.40 8.00 2.94
N PHE A 232 -2.35 8.58 2.37
CA PHE A 232 -1.00 8.36 2.87
C PHE A 232 -0.89 8.87 4.30
N GLY A 233 -1.59 9.96 4.60
CA GLY A 233 -1.63 10.49 5.96
C GLY A 233 -2.20 9.46 6.92
N VAL A 234 -3.25 8.79 6.51
CA VAL A 234 -3.87 7.75 7.32
C VAL A 234 -2.91 6.58 7.47
N LEU A 235 -2.20 6.24 6.39
CA LEU A 235 -1.20 5.19 6.42
C LEU A 235 -0.10 5.51 7.42
N LEU A 236 0.34 6.77 7.44
CA LEU A 236 1.33 7.22 8.42
C LEU A 236 0.82 6.95 9.84
N TRP A 237 -0.45 7.22 10.06
CA TRP A 237 -1.06 6.98 11.36
C TRP A 237 -1.05 5.48 11.70
N GLU A 238 -1.34 4.65 10.71
CA GLU A 238 -1.30 3.20 10.89
C GLU A 238 0.10 2.75 11.29
N ILE A 239 1.10 3.30 10.62
CA ILE A 239 2.49 2.93 10.85
C ILE A 239 2.92 3.28 12.27
N PHE A 240 2.69 4.52 12.68
CA PHE A 240 3.21 5.00 13.94
C PHE A 240 2.31 4.65 15.13
N SER A 241 1.11 4.17 14.84
CA SER A 241 0.27 3.55 15.86
C SER A 241 0.62 2.08 16.00
N LEU A 242 1.52 1.61 15.14
CA LEU A 242 1.93 0.21 15.09
C LEU A 242 0.76 -0.71 14.75
N GLY A 243 -0.04 -0.30 13.76
CA GLY A 243 -1.01 -1.19 13.14
C GLY A 243 -2.43 -1.15 13.67
N TYR A 244 -2.78 -0.08 14.38
CA TYR A 244 -4.15 0.11 14.86
C TYR A 244 -5.10 0.43 13.71
N MET A 245 -6.37 0.10 13.90
CA MET A 245 -7.44 0.56 13.02
C MET A 245 -7.61 2.07 13.17
N PRO A 246 -7.61 2.81 12.05
CA PRO A 246 -7.84 4.26 12.15
C PRO A 246 -9.17 4.62 12.80
N TYR A 247 -9.24 5.78 13.45
CA TYR A 247 -10.44 6.22 14.16
C TYR A 247 -10.98 5.10 15.04
N PRO A 248 -10.15 4.61 15.98
CA PRO A 248 -10.33 3.33 16.69
C PRO A 248 -11.74 3.03 17.17
N SER A 249 -12.39 4.00 17.81
CA SER A 249 -13.69 3.76 18.42
C SER A 249 -14.84 4.26 17.55
N LYS A 250 -14.63 4.30 16.24
CA LYS A 250 -15.63 4.85 15.32
C LYS A 250 -15.98 3.92 14.17
N SER A 251 -17.28 3.89 13.84
CA SER A 251 -17.77 3.21 12.64
C SER A 251 -17.53 4.09 11.42
N ASN A 252 -17.78 3.54 10.24
CA ASN A 252 -17.57 4.29 9.00
C ASN A 252 -18.45 5.54 8.91
N GLN A 253 -19.71 5.43 9.30
CA GLN A 253 -20.63 6.56 9.23
C GLN A 253 -20.24 7.62 10.26
N GLU A 254 -19.74 7.17 11.40
CA GLU A 254 -19.31 8.09 12.44
C GLU A 254 -18.07 8.86 11.98
N VAL A 255 -17.18 8.17 11.27
CA VAL A 255 -15.98 8.80 10.72
C VAL A 255 -16.37 9.80 9.63
N LEU A 256 -17.35 9.41 8.82
CA LEU A 256 -17.87 10.26 7.75
C LEU A 256 -18.33 11.61 8.28
N GLU A 257 -19.13 11.58 9.34
CA GLU A 257 -19.66 12.79 9.93
C GLU A 257 -18.57 13.55 10.71
N PHE A 258 -17.70 12.79 11.36
CA PHE A 258 -16.56 13.34 12.09
C PHE A 258 -15.67 14.16 11.18
N VAL A 259 -15.20 13.53 10.10
CA VAL A 259 -14.27 14.17 9.17
C VAL A 259 -14.89 15.36 8.43
N THR A 260 -16.13 15.21 7.98
CA THR A 260 -16.79 16.29 7.24
C THR A 260 -16.99 17.52 8.11
N SER A 261 -17.04 17.32 9.43
CA SER A 261 -17.20 18.43 10.38
C SER A 261 -15.86 19.01 10.83
N GLY A 262 -14.77 18.50 10.27
CA GLY A 262 -13.44 19.01 10.54
C GLY A 262 -12.66 18.21 11.56
N GLY A 263 -13.24 17.12 12.04
CA GLY A 263 -12.57 16.26 13.00
C GLY A 263 -11.39 15.52 12.40
N ARG A 264 -10.36 15.30 13.21
CA ARG A 264 -9.16 14.58 12.79
C ARG A 264 -8.65 13.70 13.92
N MET A 265 -7.93 12.64 13.58
CA MET A 265 -7.36 11.74 14.58
C MET A 265 -6.32 12.45 15.45
N ASP A 266 -6.20 11.99 16.68
CA ASP A 266 -5.13 12.44 17.57
C ASP A 266 -3.84 11.72 17.18
N PRO A 267 -2.69 12.22 17.67
CA PRO A 267 -1.44 11.54 17.35
C PRO A 267 -1.41 10.13 17.90
N PRO A 268 -0.80 9.17 17.18
CA PRO A 268 -0.59 7.87 17.80
C PRO A 268 0.26 8.01 19.07
N LYS A 269 0.19 7.03 19.98
CA LYS A 269 0.93 7.12 21.22
C LYS A 269 2.42 7.31 20.98
N ASN A 270 3.01 8.29 21.65
CA ASN A 270 4.44 8.61 21.57
C ASN A 270 4.88 9.11 20.18
N CYS A 271 3.92 9.44 19.33
CA CYS A 271 4.27 9.90 17.98
C CYS A 271 4.98 11.24 18.05
N PRO A 272 6.17 11.34 17.43
CA PRO A 272 6.88 12.64 17.44
C PRO A 272 6.08 13.73 16.72
N GLY A 273 6.14 14.94 17.27
CA GLY A 273 5.44 16.07 16.70
C GLY A 273 5.65 16.28 15.21
N PRO A 274 6.91 16.27 14.75
CA PRO A 274 7.20 16.45 13.33
C PRO A 274 6.52 15.41 12.44
N VAL A 275 6.33 14.20 12.94
CA VAL A 275 5.65 13.16 12.19
C VAL A 275 4.14 13.43 12.13
N TYR A 276 3.57 13.79 13.28
CA TYR A 276 2.14 14.07 13.36
C TYR A 276 1.78 15.26 12.46
N ARG A 277 2.70 16.21 12.35
CA ARG A 277 2.43 17.41 11.55
C ARG A 277 2.36 17.06 10.07
N ILE A 278 3.06 16.01 9.65
CA ILE A 278 2.94 15.54 8.28
C ILE A 278 1.53 14.99 8.06
N MET A 279 1.05 14.20 9.02
CA MET A 279 -0.30 13.65 8.95
C MET A 279 -1.35 14.73 8.80
N THR A 280 -1.27 15.75 9.66
CA THR A 280 -2.29 16.79 9.68
C THR A 280 -2.24 17.64 8.42
N GLN A 281 -1.07 17.69 7.80
CA GLN A 281 -0.92 18.38 6.55
C GLN A 281 -1.58 17.57 5.45
N CYS A 282 -1.43 16.26 5.49
CA CYS A 282 -2.06 15.37 4.52
C CYS A 282 -3.58 15.46 4.62
N TRP A 283 -4.08 15.82 5.80
CA TRP A 283 -5.52 15.85 6.06
C TRP A 283 -6.13 17.24 6.00
N GLN A 284 -5.50 18.16 5.26
CA GLN A 284 -6.11 19.46 5.05
C GLN A 284 -7.40 19.26 4.27
N HIS A 285 -8.44 19.98 4.65
CA HIS A 285 -9.78 19.76 4.10
C HIS A 285 -9.82 19.97 2.59
N GLN A 286 -9.19 21.03 2.11
CA GLN A 286 -9.10 21.30 0.69
C GLN A 286 -7.87 20.63 0.08
N PRO A 287 -8.04 19.89 -1.03
CA PRO A 287 -6.89 19.21 -1.65
C PRO A 287 -5.77 20.17 -2.05
N GLU A 288 -6.13 21.41 -2.37
CA GLU A 288 -5.13 22.41 -2.77
C GLU A 288 -4.15 22.70 -1.65
N ASP A 289 -4.58 22.45 -0.41
CA ASP A 289 -3.75 22.75 0.77
C ASP A 289 -2.95 21.55 1.24
N ARG A 290 -3.14 20.41 0.59
CA ARG A 290 -2.38 19.21 0.93
C ARG A 290 -1.07 19.17 0.15
N PRO A 291 0.01 18.67 0.78
CA PRO A 291 1.29 18.56 0.07
C PRO A 291 1.31 17.47 -0.98
N ASN A 292 2.14 17.63 -2.01
CA ASN A 292 2.38 16.55 -2.95
C ASN A 292 3.39 15.59 -2.35
N PHE A 293 3.68 14.49 -3.02
CA PHE A 293 4.51 13.45 -2.42
C PHE A 293 5.99 13.80 -2.44
N ALA A 294 6.37 14.76 -3.28
CA ALA A 294 7.75 15.25 -3.26
C ALA A 294 8.00 15.98 -1.94
N ILE A 295 7.05 16.82 -1.53
CA ILE A 295 7.15 17.54 -0.28
C ILE A 295 7.05 16.59 0.91
N ILE A 296 6.11 15.64 0.85
CA ILE A 296 5.96 14.65 1.92
C ILE A 296 7.27 13.90 2.12
N LEU A 297 7.87 13.48 1.01
CA LEU A 297 9.12 12.72 1.05
C LEU A 297 10.25 13.54 1.68
N GLU A 298 10.33 14.83 1.33
CA GLU A 298 11.32 15.72 1.92
C GLU A 298 11.13 15.81 3.43
N ARG A 299 9.89 15.93 3.87
CA ARG A 299 9.60 16.13 5.28
C ARG A 299 9.86 14.86 6.08
N ILE A 300 9.56 13.69 5.50
CA ILE A 300 9.89 12.44 6.15
C ILE A 300 11.41 12.33 6.31
N GLU A 301 12.14 12.69 5.27
CA GLU A 301 13.59 12.62 5.30
C GLU A 301 14.16 13.53 6.37
N TYR A 302 13.57 14.71 6.54
CA TYR A 302 13.99 15.65 7.57
C TYR A 302 13.82 15.04 8.95
N CYS A 303 12.75 14.27 9.14
CA CYS A 303 12.48 13.61 10.42
C CYS A 303 13.58 12.61 10.77
N THR A 304 14.10 11.91 9.77
CA THR A 304 15.15 10.92 10.00
C THR A 304 16.46 11.60 10.39
N GLN A 305 16.57 12.88 10.10
CA GLN A 305 17.77 13.65 10.43
C GLN A 305 17.72 14.24 11.84
N ASP A 306 16.59 14.04 12.53
CA ASP A 306 16.37 14.63 13.84
C ASP A 306 16.55 13.58 14.93
N PRO A 307 17.65 13.66 15.70
CA PRO A 307 17.87 12.69 16.78
C PRO A 307 16.70 12.62 17.77
N ASP A 308 16.10 13.76 18.08
CA ASP A 308 14.98 13.80 19.02
C ASP A 308 13.80 12.96 18.51
N VAL A 309 13.66 12.86 17.19
CA VAL A 309 12.62 12.04 16.59
C VAL A 309 12.99 10.57 16.67
N ILE A 310 14.13 10.22 16.10
CA ILE A 310 14.50 8.82 15.91
C ILE A 310 14.94 8.12 17.20
N ASN A 311 15.24 8.90 18.25
CA ASN A 311 15.57 8.32 19.56
C ASN A 311 14.34 8.21 20.47
N THR A 312 13.18 8.60 19.96
CA THR A 312 11.94 8.45 20.70
C THR A 312 11.56 6.97 20.82
N ALA A 313 11.18 6.55 22.01
CA ALA A 313 10.83 5.16 22.27
C ALA A 313 9.39 4.86 21.86
N LEU A 314 9.20 3.73 21.17
CA LEU A 314 7.86 3.26 20.85
C LEU A 314 7.21 2.70 22.11
N PRO A 315 5.88 2.77 22.20
CA PRO A 315 5.20 2.24 23.40
C PRO A 315 5.31 0.73 23.52
N ILE A 316 5.22 0.24 24.76
CA ILE A 316 5.28 -1.19 25.03
C ILE A 316 3.97 -1.63 25.72
N GLU A 317 3.49 -2.80 25.34
CA GLU A 317 2.09 -3.17 25.56
C GLU A 317 1.73 -3.61 26.99
N TYR A 318 2.44 -4.63 27.50
CA TYR A 318 2.10 -5.27 28.78
C TYR A 318 0.83 -6.09 28.67
N GLY A 319 1.00 -7.41 28.58
CA GLY A 319 -0.10 -8.34 28.35
C GLY A 319 -1.38 -8.10 29.15
N PRO A 320 -1.28 -8.09 30.49
CA PRO A 320 -2.47 -7.95 31.35
C PRO A 320 -3.27 -6.67 31.11
N LEU A 321 -2.71 -5.74 30.34
CA LEU A 321 -3.38 -4.47 30.04
C LEU A 321 -3.81 -3.75 31.32
C10 34Y B . -0.02 -0.57 -8.07
C11 34Y B . 0.85 -0.32 -9.27
C12 34Y B . 1.43 -7.93 -6.10
C13 34Y B . -0.05 -8.17 -6.17
C14 34Y B . -0.73 -9.18 -5.26
C15 34Y B . 0.10 -9.96 -4.26
C16 34Y B . 1.59 -9.72 -4.20
C17 34Y B . 2.26 -8.71 -5.09
C18 34Y B . 2.46 -10.44 -3.20
C19 34Y B . 2.07 -10.92 -1.97
C20 34Y B . 3.20 -11.47 -1.41
N01 34Y B . -0.81 -7.44 -7.12
C02 34Y B . -0.69 -6.03 -7.17
N03 34Y B . -1.50 -5.36 -8.14
O04 34Y B . 0.02 -5.45 -6.38
C05 34Y B . -1.46 -3.96 -8.32
N06 34Y B . -2.40 -3.24 -8.96
O07 34Y B . -2.01 -1.91 -8.95
C08 34Y B . -0.81 -1.84 -8.31
C09 34Y B . -0.46 -3.09 -7.92
N21 34Y B . 4.23 -11.29 -2.26
N22 34Y B . 3.76 -10.65 -3.39
N23 34Y B . 3.36 -12.08 -0.13
C24 34Y B . 2.29 -12.47 0.73
C25 34Y B . 2.68 -13.09 2.06
O26 34Y B . 1.13 -12.30 0.43
C27 34Y B . 4.14 -13.34 2.35
C28 34Y B . 4.57 -13.93 3.67
C29 34Y B . 3.55 -14.24 4.74
C30 34Y B . 2.08 -13.97 4.46
C31 34Y B . 1.64 -13.40 3.12
C32 34Y B . 4.00 -14.81 6.07
N33 34Y B . 4.17 -13.81 6.89
C34 34Y B . 5.38 -13.17 6.80
C35 34Y B . 6.41 -13.66 7.78
N36 34Y B . 5.93 -13.73 9.05
C37 34Y B . 4.80 -14.47 9.10
C38 34Y B . 3.73 -13.94 8.16
C39 34Y B . 6.83 -14.21 9.84
C40 34Y B . -2.22 -9.42 -5.35
C41 34Y B . -0.98 0.59 -7.89
#